data_4NK3
#
_entry.id   4NK3
#
_cell.length_a   44.751
_cell.length_b   72.127
_cell.length_c   106.039
_cell.angle_alpha   90.00
_cell.angle_beta   90.00
_cell.angle_gamma   90.00
#
_symmetry.space_group_name_H-M   'P 21 21 21'
#
loop_
_entity.id
_entity.type
_entity.pdbx_description
1 polymer Beta-lactamase
2 non-polymer (2S,5R)-1-formyl-N-(piperidin-4-yl)-5-[(sulfooxy)amino]piperidine-2-carboxamide
3 water water
#
_entity_poly.entity_id   1
_entity_poly.type   'polypeptide(L)'
_entity_poly.pdbx_seq_one_letter_code
;GSKLGEAPADRLKALVDAAVQPVMKANDIPGLAVAISLKGEPHYFSYGLASKEDGRRVTPETLFEIGSVSKTFTATLAGY
ALTQDKMRLDDRASQHWPALQGSRFDGISLLDLATYTAGGLPLQFPDSVQKDQAQIRDYYRQWQPTYAPGSQRLYSNPSI
GLFGYLAARSLGQPFERLMEQQVFPALGLEQTHLDVPEAALAQYAQGYGKDDRPLRVGPGPLDAEGYGVKTSAADLLRFV
DANLHPERLDRPWAQALDATHRGYYKVGDMTQGLGWEAYDWPISLKRLQAGNSTPMALQPHRIARLPAPQALEGQRLLNK
TGSTNGFGAYVAFVPGRDLGLVILANRNYPNAERVKIAYAILSGLEQQGKVPLKA
;
_entity_poly.pdbx_strand_id   A
#
# COMPACT_ATOMS: atom_id res chain seq x y z
N ALA A 7 31.05 -13.56 8.37
CA ALA A 7 31.11 -12.10 8.11
C ALA A 7 29.82 -11.54 7.48
N PRO A 8 29.21 -12.25 6.49
CA PRO A 8 28.01 -11.75 5.83
C PRO A 8 26.80 -11.57 6.75
N ALA A 9 26.53 -12.54 7.62
CA ALA A 9 25.38 -12.43 8.54
C ALA A 9 25.63 -11.32 9.57
N ASP A 10 26.86 -11.28 10.09
CA ASP A 10 27.30 -10.22 11.00
C ASP A 10 27.16 -8.84 10.35
N ARG A 11 27.62 -8.72 9.11
CA ARG A 11 27.57 -7.46 8.35
C ARG A 11 26.14 -6.98 8.11
N LEU A 12 25.26 -7.90 7.71
CA LEU A 12 23.85 -7.58 7.47
C LEU A 12 23.16 -7.13 8.77
N LYS A 13 23.33 -7.92 9.83
CA LYS A 13 22.85 -7.54 11.16
C LYS A 13 23.37 -6.15 11.56
N ALA A 14 24.67 -5.93 11.38
CA ALA A 14 25.31 -4.65 11.74
C ALA A 14 24.68 -3.50 10.96
N LEU A 15 24.44 -3.72 9.68
CA LEU A 15 23.88 -2.70 8.79
C LEU A 15 22.44 -2.37 9.12
N VAL A 16 21.60 -3.40 9.31
CA VAL A 16 20.20 -3.21 9.66
C VAL A 16 20.05 -2.58 11.06
N ASP A 17 20.80 -3.08 12.05
CA ASP A 17 20.83 -2.44 13.39
C ASP A 17 21.18 -0.95 13.27
N ALA A 18 22.21 -0.62 12.47
CA ALA A 18 22.72 0.76 12.37
C ALA A 18 21.68 1.69 11.71
N ALA A 19 20.93 1.15 10.76
CA ALA A 19 19.85 1.86 10.08
C ALA A 19 18.64 2.08 11.00
N VAL A 20 18.24 1.02 11.71
CA VAL A 20 16.98 0.98 12.47
C VAL A 20 17.09 1.63 13.87
N GLN A 21 18.09 1.25 14.63
CA GLN A 21 18.15 1.62 16.06
C GLN A 21 18.09 3.15 16.34
N PRO A 22 18.90 3.98 15.64
CA PRO A 22 18.77 5.44 15.86
C PRO A 22 17.36 5.96 15.55
N VAL A 23 16.77 5.50 14.44
CA VAL A 23 15.47 6.01 14.05
C VAL A 23 14.39 5.51 15.03
N MET A 24 14.47 4.23 15.42
CA MET A 24 13.55 3.67 16.41
C MET A 24 13.56 4.49 17.68
N LYS A 25 14.77 4.83 18.15
CA LYS A 25 14.97 5.56 19.39
C LYS A 25 14.50 7.00 19.28
N ALA A 26 14.91 7.68 18.20
CA ALA A 26 14.56 9.08 17.95
C ALA A 26 13.04 9.30 17.83
N ASN A 27 12.34 8.29 17.31
CA ASN A 27 10.89 8.37 17.12
C ASN A 27 10.08 7.64 18.19
N ASP A 28 10.77 7.18 19.25
CA ASP A 28 10.19 6.41 20.35
C ASP A 28 9.26 5.29 19.85
N ILE A 29 9.75 4.51 18.90
CA ILE A 29 8.96 3.43 18.32
C ILE A 29 9.07 2.20 19.26
N PRO A 30 7.93 1.74 19.83
CA PRO A 30 8.02 0.61 20.76
C PRO A 30 8.52 -0.70 20.13
N GLY A 31 8.04 -1.00 18.92
CA GLY A 31 8.37 -2.23 18.22
C GLY A 31 8.43 -2.07 16.72
N LEU A 32 9.37 -2.77 16.10
CA LEU A 32 9.63 -2.60 14.68
C LEU A 32 10.16 -3.90 14.08
N ALA A 33 9.57 -4.29 12.95
CA ALA A 33 9.99 -5.50 12.24
C ALA A 33 10.51 -5.14 10.84
N VAL A 34 11.70 -5.66 10.51
CA VAL A 34 12.28 -5.54 9.18
C VAL A 34 12.34 -6.92 8.53
N ALA A 35 11.97 -6.96 7.26
CA ALA A 35 12.23 -8.16 6.45
C ALA A 35 12.88 -7.71 5.15
N ILE A 36 13.92 -8.43 4.76
CA ILE A 36 14.66 -8.13 3.54
C ILE A 36 14.74 -9.38 2.67
N SER A 37 14.39 -9.22 1.40
CA SER A 37 14.62 -10.28 0.42
C SER A 37 15.88 -9.92 -0.34
N LEU A 38 16.88 -10.79 -0.26
CA LEU A 38 18.18 -10.53 -0.86
C LEU A 38 18.74 -11.82 -1.46
N LYS A 39 19.06 -11.77 -2.75
CA LYS A 39 19.60 -12.91 -3.51
C LYS A 39 18.72 -14.17 -3.41
N GLY A 40 17.41 -13.97 -3.37
CA GLY A 40 16.45 -15.08 -3.30
C GLY A 40 16.23 -15.69 -1.92
N GLU A 41 16.72 -15.01 -0.89
CA GLU A 41 16.57 -15.48 0.50
C GLU A 41 16.00 -14.39 1.41
N PRO A 42 15.09 -14.77 2.33
CA PRO A 42 14.54 -13.81 3.30
C PRO A 42 15.45 -13.62 4.52
N HIS A 43 15.45 -12.41 5.08
CA HIS A 43 16.21 -12.12 6.27
C HIS A 43 15.32 -11.28 7.18
N TYR A 44 15.19 -11.69 8.44
CA TYR A 44 14.29 -10.98 9.34
C TYR A 44 15.05 -10.36 10.51
N PHE A 45 14.65 -9.14 10.89
CA PHE A 45 15.22 -8.45 12.05
C PHE A 45 14.11 -7.83 12.85
N SER A 46 14.01 -8.23 14.11
CA SER A 46 12.88 -7.82 14.96
C SER A 46 13.37 -7.06 16.17
N TYR A 47 12.71 -5.94 16.46
CA TYR A 47 13.14 -5.02 17.50
C TYR A 47 12.00 -4.67 18.44
N GLY A 48 12.30 -4.69 19.74
CA GLY A 48 11.40 -4.13 20.75
C GLY A 48 10.10 -4.88 20.94
N LEU A 49 9.05 -4.12 21.26
CA LEU A 49 7.84 -4.69 21.85
C LEU A 49 6.60 -4.46 21.00
N ALA A 50 5.87 -5.54 20.75
CA ALA A 50 4.54 -5.48 20.12
C ALA A 50 3.52 -4.85 21.07
N SER A 51 3.65 -5.14 22.36
CA SER A 51 2.87 -4.48 23.41
C SER A 51 3.74 -4.12 24.62
N LYS A 52 3.77 -2.82 24.92
CA LYS A 52 4.53 -2.33 26.08
C LYS A 52 3.89 -2.84 27.38
N GLU A 53 2.57 -2.97 27.37
CA GLU A 53 1.83 -3.35 28.58
C GLU A 53 1.98 -4.83 28.96
N ASP A 54 1.89 -5.74 27.99
CA ASP A 54 2.00 -7.18 28.32
C ASP A 54 3.37 -7.80 28.00
N GLY A 55 4.23 -7.03 27.33
CA GLY A 55 5.61 -7.43 27.11
C GLY A 55 5.86 -8.35 25.92
N ARG A 56 4.83 -8.56 25.10
CA ARG A 56 4.99 -9.34 23.88
C ARG A 56 6.03 -8.66 23.01
N ARG A 57 6.99 -9.45 22.53
CA ARG A 57 8.04 -8.93 21.69
C ARG A 57 7.66 -9.03 20.22
N VAL A 58 8.23 -8.16 19.40
CA VAL A 58 8.07 -8.23 17.95
C VAL A 58 8.81 -9.46 17.42
N THR A 59 8.14 -10.17 16.53
CA THR A 59 8.74 -11.26 15.78
C THR A 59 8.34 -11.05 14.32
N PRO A 60 8.91 -11.86 13.38
CA PRO A 60 8.50 -11.74 11.98
C PRO A 60 7.07 -12.19 11.71
N GLU A 61 6.40 -12.74 12.72
CA GLU A 61 5.00 -13.17 12.63
C GLU A 61 4.02 -12.20 13.29
N THR A 62 4.53 -11.19 14.00
CA THR A 62 3.70 -10.15 14.62
C THR A 62 2.87 -9.44 13.56
N LEU A 63 1.57 -9.27 13.81
CA LEU A 63 0.69 -8.55 12.87
C LEU A 63 0.75 -7.04 13.14
N PHE A 64 1.04 -6.27 12.10
CA PHE A 64 1.01 -4.81 12.16
C PHE A 64 -0.06 -4.33 11.21
N GLU A 65 -0.65 -3.18 11.55
CA GLU A 65 -1.44 -2.46 10.56
C GLU A 65 -0.54 -1.82 9.51
N ILE A 66 -0.87 -2.02 8.23
CA ILE A 66 -0.05 -1.45 7.16
C ILE A 66 -0.69 -0.25 6.45
N GLY A 67 -1.88 0.15 6.91
CA GLY A 67 -2.55 1.33 6.36
C GLY A 67 -2.57 1.31 4.84
N SER A 68 -2.13 2.40 4.22
CA SER A 68 -2.23 2.62 2.77
C SER A 68 -1.43 1.65 1.91
N VAL A 69 -0.50 0.90 2.50
CA VAL A 69 0.14 -0.21 1.79
C VAL A 69 -0.93 -1.20 1.29
N SER A 70 -2.08 -1.24 1.98
CA SER A 70 -3.23 -2.03 1.53
C SER A 70 -3.60 -1.75 0.08
N LYS A 71 -3.38 -0.53 -0.39
CA LYS A 71 -3.73 -0.18 -1.79
C LYS A 71 -3.01 -1.05 -2.82
N THR A 72 -1.85 -1.60 -2.46
CA THR A 72 -1.15 -2.50 -3.39
C THR A 72 -1.85 -3.85 -3.51
N PHE A 73 -2.48 -4.31 -2.42
CA PHE A 73 -3.31 -5.53 -2.48
C PHE A 73 -4.57 -5.25 -3.27
N THR A 74 -5.18 -4.10 -2.99
CA THR A 74 -6.36 -3.64 -3.71
C THR A 74 -6.07 -3.60 -5.22
N ALA A 75 -4.91 -3.01 -5.57
CA ALA A 75 -4.48 -2.97 -6.97
C ALA A 75 -4.35 -4.37 -7.60
N THR A 76 -3.91 -5.34 -6.80
CA THR A 76 -3.69 -6.72 -7.26
C THR A 76 -5.04 -7.39 -7.58
N LEU A 77 -6.04 -7.14 -6.73
CA LEU A 77 -7.40 -7.61 -7.02
C LEU A 77 -7.92 -7.02 -8.32
N ALA A 78 -7.73 -5.71 -8.49
CA ALA A 78 -8.14 -5.04 -9.71
C ALA A 78 -7.39 -5.60 -10.94
N GLY A 79 -6.09 -5.85 -10.77
CA GLY A 79 -5.26 -6.46 -11.80
C GLY A 79 -5.83 -7.81 -12.23
N TYR A 80 -6.29 -8.59 -11.24
CA TYR A 80 -6.98 -9.85 -11.50
C TYR A 80 -8.27 -9.65 -12.33
N ALA A 81 -9.12 -8.71 -11.91
CA ALA A 81 -10.36 -8.43 -12.64
C ALA A 81 -10.06 -8.06 -14.09
N LEU A 82 -9.02 -7.24 -14.28
CA LEU A 82 -8.55 -6.90 -15.63
C LEU A 82 -8.21 -8.14 -16.47
N THR A 83 -7.56 -9.14 -15.86
CA THR A 83 -7.22 -10.42 -16.53
C THR A 83 -8.40 -11.37 -16.74
N GLN A 84 -9.43 -11.21 -15.93
CA GLN A 84 -10.63 -12.02 -16.08
C GLN A 84 -11.57 -11.39 -17.12
N ASP A 85 -11.05 -10.39 -17.84
CA ASP A 85 -11.81 -9.59 -18.81
C ASP A 85 -13.13 -9.04 -18.24
N LYS A 86 -13.14 -8.76 -16.95
CA LYS A 86 -14.35 -8.33 -16.24
C LYS A 86 -14.48 -6.80 -16.22
N MET A 87 -13.36 -6.13 -16.46
CA MET A 87 -13.32 -4.66 -16.53
C MET A 87 -12.11 -4.23 -17.34
N ARG A 88 -12.14 -2.99 -17.82
CA ARG A 88 -10.97 -2.37 -18.45
C ARG A 88 -10.68 -1.04 -17.76
N LEU A 89 -9.41 -0.62 -17.75
CA LEU A 89 -9.05 0.65 -17.13
C LEU A 89 -9.77 1.86 -17.72
N ASP A 90 -10.16 1.78 -18.99
CA ASP A 90 -10.88 2.88 -19.64
C ASP A 90 -12.41 2.81 -19.50
N ASP A 91 -12.93 1.83 -18.75
CA ASP A 91 -14.36 1.78 -18.43
C ASP A 91 -14.75 3.02 -17.63
N ARG A 92 -15.95 3.53 -17.86
CA ARG A 92 -16.56 4.54 -16.99
C ARG A 92 -16.92 3.86 -15.69
N ALA A 93 -16.72 4.54 -14.57
CA ALA A 93 -16.94 3.95 -13.25
C ALA A 93 -18.38 3.46 -13.10
N SER A 94 -19.33 4.24 -13.59
CA SER A 94 -20.74 3.92 -13.46
C SER A 94 -21.15 2.64 -14.20
N GLN A 95 -20.29 2.15 -15.10
CA GLN A 95 -20.55 0.87 -15.79
C GLN A 95 -20.70 -0.29 -14.79
N HIS A 96 -20.05 -0.17 -13.65
CA HIS A 96 -19.95 -1.29 -12.70
C HIS A 96 -20.81 -1.13 -11.45
N TRP A 97 -21.57 -0.04 -11.39
CA TRP A 97 -22.50 0.23 -10.29
C TRP A 97 -23.66 1.07 -10.80
N PRO A 98 -24.83 0.44 -11.06
CA PRO A 98 -26.00 1.15 -11.60
C PRO A 98 -26.38 2.37 -10.79
N ALA A 99 -26.19 2.31 -9.47
CA ALA A 99 -26.46 3.42 -8.55
C ALA A 99 -25.73 4.71 -8.96
N LEU A 100 -24.60 4.56 -9.64
CA LEU A 100 -23.83 5.71 -10.11
C LEU A 100 -24.22 6.25 -11.48
N GLN A 101 -25.05 5.51 -12.21
CA GLN A 101 -25.47 5.97 -13.53
C GLN A 101 -26.25 7.27 -13.39
N GLY A 102 -25.89 8.25 -14.23
CA GLY A 102 -26.51 9.57 -14.20
C GLY A 102 -25.75 10.55 -13.32
N SER A 103 -24.77 10.05 -12.57
CA SER A 103 -23.89 10.89 -11.75
C SER A 103 -22.66 11.31 -12.55
N ARG A 104 -21.77 12.08 -11.92
CA ARG A 104 -20.53 12.50 -12.56
C ARG A 104 -19.60 11.33 -12.88
N PHE A 105 -19.82 10.20 -12.22
CA PHE A 105 -19.03 8.99 -12.51
C PHE A 105 -19.32 8.35 -13.88
N ASP A 106 -20.24 8.94 -14.64
CA ASP A 106 -20.39 8.60 -16.06
C ASP A 106 -19.20 9.10 -16.86
N GLY A 107 -18.52 10.12 -16.34
CA GLY A 107 -17.44 10.79 -17.06
C GLY A 107 -16.06 10.56 -16.47
N ILE A 108 -15.94 9.55 -15.61
CA ILE A 108 -14.72 9.25 -14.88
C ILE A 108 -14.34 7.79 -15.06
N SER A 109 -13.10 7.53 -15.48
CA SER A 109 -12.64 6.18 -15.76
C SER A 109 -12.15 5.44 -14.52
N LEU A 110 -12.05 4.12 -14.62
CA LEU A 110 -11.50 3.31 -13.54
C LEU A 110 -10.05 3.70 -13.29
N LEU A 111 -9.33 4.00 -14.36
CA LEU A 111 -7.94 4.44 -14.24
C LEU A 111 -7.84 5.77 -13.47
N ASP A 112 -8.73 6.72 -13.76
CA ASP A 112 -8.76 8.01 -13.03
C ASP A 112 -8.89 7.72 -11.53
N LEU A 113 -9.81 6.81 -11.19
CA LEU A 113 -10.06 6.46 -9.79
C LEU A 113 -8.85 5.81 -9.13
N ALA A 114 -8.24 4.87 -9.85
CA ALA A 114 -7.12 4.08 -9.35
C ALA A 114 -5.89 4.96 -9.06
N THR A 115 -5.74 6.02 -9.86
CA THR A 115 -4.54 6.87 -9.80
C THR A 115 -4.83 8.30 -9.29
N TYR A 116 -5.96 8.48 -8.61
CA TYR A 116 -6.25 9.72 -7.86
C TYR A 116 -6.43 10.97 -8.75
N THR A 117 -6.80 10.76 -10.01
CA THR A 117 -6.98 11.87 -10.96
C THR A 117 -8.45 12.07 -11.39
N ALA A 118 -9.39 11.59 -10.57
CA ALA A 118 -10.82 11.69 -10.89
C ALA A 118 -11.33 13.13 -10.88
N GLY A 119 -10.60 14.01 -10.19
CA GLY A 119 -10.91 15.44 -10.21
C GLY A 119 -11.15 16.05 -8.84
N GLY A 120 -10.40 15.59 -7.84
CA GLY A 120 -10.45 16.22 -6.52
C GLY A 120 -11.24 15.50 -5.46
N LEU A 121 -11.46 14.20 -5.65
CA LEU A 121 -11.94 13.36 -4.54
C LEU A 121 -10.96 13.53 -3.37
N PRO A 122 -11.49 13.76 -2.15
CA PRO A 122 -10.65 14.17 -1.00
C PRO A 122 -9.84 13.02 -0.40
N LEU A 123 -8.90 13.38 0.47
CA LEU A 123 -8.03 12.39 1.10
C LEU A 123 -8.84 11.30 1.79
N GLN A 124 -9.85 11.71 2.55
CA GLN A 124 -10.74 10.77 3.24
C GLN A 124 -12.18 11.08 2.93
N PHE A 125 -13.06 10.10 3.14
CA PHE A 125 -14.48 10.36 3.22
C PHE A 125 -14.68 11.34 4.37
N PRO A 126 -15.65 12.27 4.25
CA PRO A 126 -16.02 13.13 5.38
C PRO A 126 -16.44 12.28 6.57
N ASP A 127 -16.24 12.80 7.79
CA ASP A 127 -16.61 12.10 9.03
C ASP A 127 -18.09 11.70 9.07
N SER A 128 -18.90 12.39 8.28
CA SER A 128 -20.33 12.14 8.23
C SER A 128 -20.69 10.85 7.49
N VAL A 129 -19.77 10.36 6.66
CA VAL A 129 -19.98 9.14 5.91
C VAL A 129 -19.52 7.93 6.74
N GLN A 130 -20.48 7.11 7.15
CA GLN A 130 -20.18 5.95 7.97
C GLN A 130 -19.93 4.73 7.08
N LYS A 131 -19.50 3.61 7.68
CA LYS A 131 -19.32 2.36 6.95
C LYS A 131 -20.69 1.75 6.63
N ASP A 132 -21.29 2.26 5.56
CA ASP A 132 -22.70 2.01 5.22
C ASP A 132 -22.83 2.18 3.71
N GLN A 133 -23.30 1.15 3.03
CA GLN A 133 -23.33 1.13 1.57
C GLN A 133 -24.15 2.29 0.98
N ALA A 134 -25.26 2.63 1.63
CA ALA A 134 -26.15 3.68 1.18
C ALA A 134 -25.53 5.06 1.35
N GLN A 135 -24.85 5.28 2.48
CA GLN A 135 -24.12 6.53 2.72
C GLN A 135 -22.98 6.69 1.73
N ILE A 136 -22.28 5.60 1.46
CA ILE A 136 -21.19 5.58 0.49
C ILE A 136 -21.75 5.87 -0.93
N ARG A 137 -22.78 5.12 -1.34
CA ARG A 137 -23.47 5.37 -2.60
C ARG A 137 -23.91 6.84 -2.74
N ASP A 138 -24.58 7.34 -1.72
CA ASP A 138 -25.07 8.72 -1.75
C ASP A 138 -23.96 9.76 -1.79
N TYR A 139 -22.84 9.47 -1.13
CA TYR A 139 -21.65 10.33 -1.19
C TYR A 139 -21.17 10.53 -2.63
N TYR A 140 -20.92 9.43 -3.34
CA TYR A 140 -20.48 9.49 -4.74
C TYR A 140 -21.53 10.11 -5.67
N ARG A 141 -22.80 9.82 -5.43
CA ARG A 141 -23.88 10.40 -6.25
C ARG A 141 -23.88 11.92 -6.21
N GLN A 142 -23.55 12.48 -5.05
CA GLN A 142 -23.62 13.93 -4.84
C GLN A 142 -22.32 14.68 -5.15
N TRP A 143 -21.21 13.96 -5.20
CA TRP A 143 -19.88 14.54 -5.42
C TRP A 143 -19.73 15.18 -6.82
N GLN A 144 -19.09 16.36 -6.85
CA GLN A 144 -18.76 17.06 -8.11
C GLN A 144 -17.26 17.30 -8.20
N PRO A 145 -16.63 17.04 -9.38
CA PRO A 145 -15.20 17.31 -9.50
C PRO A 145 -14.85 18.80 -9.35
N THR A 146 -13.70 19.06 -8.75
CA THR A 146 -13.16 20.40 -8.60
C THR A 146 -12.51 20.84 -9.91
N TYR A 147 -11.99 19.86 -10.65
CA TYR A 147 -11.34 20.13 -11.92
C TYR A 147 -11.50 18.92 -12.85
N ALA A 148 -11.06 19.05 -14.09
CA ALA A 148 -11.27 18.03 -15.10
C ALA A 148 -10.63 16.71 -14.69
N PRO A 149 -11.35 15.59 -14.86
CA PRO A 149 -10.74 14.27 -14.63
C PRO A 149 -9.50 14.07 -15.50
N GLY A 150 -8.50 13.37 -14.97
CA GLY A 150 -7.24 13.14 -15.69
C GLY A 150 -6.25 14.30 -15.76
N SER A 151 -6.49 15.36 -14.99
CA SER A 151 -5.58 16.52 -15.00
C SER A 151 -4.71 16.67 -13.75
N GLN A 152 -5.29 16.36 -12.59
CA GLN A 152 -4.62 16.56 -11.31
C GLN A 152 -4.70 15.34 -10.41
N ARG A 153 -3.56 15.01 -9.82
CA ARG A 153 -3.47 13.97 -8.81
C ARG A 153 -3.73 14.57 -7.42
N LEU A 154 -4.75 14.03 -6.75
CA LEU A 154 -5.02 14.34 -5.36
C LEU A 154 -5.20 13.01 -4.62
N TYR A 155 -4.18 12.62 -3.86
CA TYR A 155 -4.17 11.34 -3.18
C TYR A 155 -5.50 11.15 -2.40
N SER A 156 -6.14 9.99 -2.58
CA SER A 156 -7.52 9.84 -2.09
C SER A 156 -7.96 8.40 -1.78
N ASN A 157 -8.32 8.17 -0.51
CA ASN A 157 -8.97 6.92 -0.10
C ASN A 157 -10.30 6.65 -0.81
N PRO A 158 -11.24 7.62 -0.85
CA PRO A 158 -12.46 7.45 -1.66
C PRO A 158 -12.20 7.11 -3.14
N SER A 159 -11.13 7.65 -3.72
CA SER A 159 -10.84 7.39 -5.15
C SER A 159 -10.46 5.91 -5.43
N ILE A 160 -9.36 5.46 -4.84
CA ILE A 160 -8.93 4.08 -5.06
C ILE A 160 -9.85 3.07 -4.34
N GLY A 161 -10.50 3.52 -3.27
CA GLY A 161 -11.54 2.74 -2.58
C GLY A 161 -12.64 2.36 -3.56
N LEU A 162 -13.16 3.36 -4.28
CA LEU A 162 -14.17 3.11 -5.32
C LEU A 162 -13.63 2.19 -6.41
N PHE A 163 -12.38 2.41 -6.82
CA PHE A 163 -11.73 1.53 -7.82
C PHE A 163 -11.78 0.06 -7.37
N GLY A 164 -11.32 -0.19 -6.14
CA GLY A 164 -11.37 -1.54 -5.53
C GLY A 164 -12.78 -2.09 -5.43
N TYR A 165 -13.72 -1.25 -4.99
CA TYR A 165 -15.11 -1.65 -4.83
C TYR A 165 -15.72 -2.08 -6.17
N LEU A 166 -15.43 -1.31 -7.21
CA LEU A 166 -15.96 -1.61 -8.55
C LEU A 166 -15.28 -2.83 -9.19
N ALA A 167 -13.99 -3.06 -8.89
CA ALA A 167 -13.31 -4.28 -9.35
C ALA A 167 -14.00 -5.53 -8.74
N ALA A 168 -14.37 -5.43 -7.47
CA ALA A 168 -15.12 -6.49 -6.77
C ALA A 168 -16.49 -6.71 -7.38
N ARG A 169 -17.20 -5.60 -7.65
CA ARG A 169 -18.49 -5.67 -8.32
C ARG A 169 -18.36 -6.35 -9.68
N SER A 170 -17.30 -6.04 -10.43
CA SER A 170 -17.09 -6.64 -11.75
C SER A 170 -16.88 -8.15 -11.64
N LEU A 171 -16.37 -8.59 -10.49
CA LEU A 171 -16.16 -10.01 -10.23
C LEU A 171 -17.37 -10.70 -9.56
N GLY A 172 -18.39 -9.91 -9.22
CA GLY A 172 -19.63 -10.42 -8.67
C GLY A 172 -19.58 -10.92 -7.23
N GLN A 173 -18.58 -10.46 -6.47
CA GLN A 173 -18.44 -10.82 -5.06
C GLN A 173 -17.98 -9.63 -4.22
N PRO A 174 -18.30 -9.63 -2.90
CA PRO A 174 -17.79 -8.56 -2.04
C PRO A 174 -16.26 -8.49 -2.05
N PHE A 175 -15.73 -7.27 -2.02
CA PHE A 175 -14.29 -7.01 -1.97
C PHE A 175 -13.59 -7.82 -0.86
N GLU A 176 -14.12 -7.73 0.36
CA GLU A 176 -13.52 -8.40 1.51
C GLU A 176 -13.49 -9.92 1.34
N ARG A 177 -14.57 -10.49 0.80
CA ARG A 177 -14.62 -11.94 0.58
C ARG A 177 -13.56 -12.35 -0.44
N LEU A 178 -13.44 -11.56 -1.52
CA LEU A 178 -12.45 -11.83 -2.57
C LEU A 178 -11.01 -11.82 -2.07
N MET A 179 -10.66 -10.84 -1.24
CA MET A 179 -9.32 -10.81 -0.61
C MET A 179 -9.05 -12.06 0.24
N GLU A 180 -10.00 -12.39 1.12
CA GLU A 180 -9.84 -13.52 2.05
C GLU A 180 -9.83 -14.88 1.36
N GLN A 181 -10.76 -15.07 0.43
CA GLN A 181 -11.02 -16.38 -0.19
C GLN A 181 -10.17 -16.65 -1.45
N GLN A 182 -9.77 -15.58 -2.13
CA GLN A 182 -9.04 -15.72 -3.40
C GLN A 182 -7.64 -15.09 -3.39
N VAL A 183 -7.55 -13.78 -3.12
CA VAL A 183 -6.30 -13.04 -3.30
C VAL A 183 -5.20 -13.47 -2.32
N PHE A 184 -5.47 -13.40 -1.01
CA PHE A 184 -4.49 -13.82 0.00
C PHE A 184 -4.04 -15.29 -0.16
N PRO A 185 -4.98 -16.25 -0.33
CA PRO A 185 -4.55 -17.63 -0.60
C PRO A 185 -3.73 -17.80 -1.90
N ALA A 186 -4.09 -17.08 -2.97
CA ALA A 186 -3.36 -17.20 -4.25
C ALA A 186 -1.90 -16.75 -4.09
N LEU A 187 -1.69 -15.80 -3.19
CA LEU A 187 -0.38 -15.25 -2.88
C LEU A 187 0.36 -16.02 -1.78
N GLY A 188 -0.29 -17.04 -1.22
CA GLY A 188 0.32 -17.89 -0.20
C GLY A 188 0.41 -17.21 1.16
N LEU A 189 -0.54 -16.32 1.44
CA LEU A 189 -0.47 -15.48 2.63
C LEU A 189 -1.47 -15.93 3.68
N GLU A 190 -0.94 -16.57 4.73
CA GLU A 190 -1.75 -17.13 5.81
C GLU A 190 -1.68 -16.28 7.09
N GLN A 191 -0.89 -15.20 7.04
CA GLN A 191 -0.77 -14.27 8.16
C GLN A 191 -1.20 -12.86 7.73
N THR A 192 -2.17 -12.77 6.83
CA THR A 192 -2.60 -11.51 6.24
C THR A 192 -4.12 -11.46 6.30
N HIS A 193 -4.65 -10.38 6.90
CA HIS A 193 -6.07 -10.33 7.28
C HIS A 193 -6.65 -8.95 7.07
N LEU A 194 -7.94 -8.93 6.74
CA LEU A 194 -8.71 -7.71 6.85
C LEU A 194 -9.38 -7.67 8.22
N ASP A 195 -9.80 -8.84 8.69
CA ASP A 195 -10.46 -9.03 9.97
C ASP A 195 -9.67 -10.11 10.73
N VAL A 196 -8.81 -9.68 11.65
CA VAL A 196 -7.93 -10.64 12.35
C VAL A 196 -8.77 -11.67 13.13
N PRO A 197 -8.58 -12.99 12.84
CA PRO A 197 -9.31 -13.99 13.60
C PRO A 197 -8.99 -13.95 15.10
N GLU A 198 -9.99 -14.26 15.92
CA GLU A 198 -9.80 -14.32 17.37
C GLU A 198 -8.59 -15.18 17.75
N ALA A 199 -8.41 -16.30 17.05
CA ALA A 199 -7.29 -17.21 17.33
C ALA A 199 -5.92 -16.58 17.08
N ALA A 200 -5.88 -15.52 16.28
CA ALA A 200 -4.63 -14.84 15.92
C ALA A 200 -4.37 -13.53 16.65
N LEU A 201 -5.29 -13.16 17.56
CA LEU A 201 -5.21 -11.84 18.21
C LEU A 201 -3.95 -11.67 19.05
N ALA A 202 -3.46 -12.77 19.62
CA ALA A 202 -2.20 -12.74 20.36
C ALA A 202 -1.01 -12.27 19.52
N GLN A 203 -1.11 -12.35 18.19
CA GLN A 203 -0.07 -11.89 17.27
C GLN A 203 -0.19 -10.38 16.92
N TYR A 204 -1.35 -9.79 17.19
CA TYR A 204 -1.64 -8.43 16.74
C TYR A 204 -1.01 -7.42 17.70
N ALA A 205 -0.04 -6.66 17.18
CA ALA A 205 0.65 -5.63 17.96
C ALA A 205 -0.34 -4.55 18.42
N GLN A 206 -0.04 -3.93 19.55
CA GLN A 206 -0.70 -2.70 19.95
C GLN A 206 -0.11 -1.55 19.16
N GLY A 207 -0.94 -0.59 18.78
CA GLY A 207 -0.49 0.66 18.19
C GLY A 207 -0.43 1.74 19.26
N TYR A 208 0.48 2.70 19.08
CA TYR A 208 0.66 3.76 20.06
C TYR A 208 0.65 5.15 19.41
N GLY A 209 -0.07 6.06 20.03
CA GLY A 209 -0.09 7.47 19.59
C GLY A 209 0.50 8.41 20.60
N LYS A 210 -0.03 9.63 20.64
CA LYS A 210 0.45 10.64 21.57
C LYS A 210 0.11 10.29 23.01
N ASP A 211 1.06 10.51 23.90
CA ASP A 211 0.95 10.08 25.30
C ASP A 211 0.82 8.56 25.42
N ASP A 212 1.34 7.87 24.40
CA ASP A 212 1.27 6.40 24.28
C ASP A 212 -0.13 5.81 24.45
N ARG A 213 -1.15 6.55 24.04
CA ARG A 213 -2.51 6.03 24.04
C ARG A 213 -2.57 4.83 23.06
N PRO A 214 -3.28 3.76 23.44
CA PRO A 214 -3.37 2.61 22.54
C PRO A 214 -4.30 2.91 21.36
N LEU A 215 -3.87 2.49 20.17
CA LEU A 215 -4.61 2.76 18.95
C LEU A 215 -4.60 1.58 18.00
N ARG A 216 -5.79 1.08 17.67
CA ARG A 216 -5.97 0.16 16.56
C ARG A 216 -7.04 0.69 15.61
N VAL A 217 -6.97 0.28 14.35
CA VAL A 217 -7.84 0.83 13.33
C VAL A 217 -9.28 0.34 13.52
N GLY A 218 -10.21 1.29 13.48
CA GLY A 218 -11.63 0.99 13.59
C GLY A 218 -12.30 1.00 12.24
N PRO A 219 -13.55 0.52 12.19
CA PRO A 219 -14.26 0.45 10.90
C PRO A 219 -14.49 1.81 10.24
N GLY A 220 -14.37 1.86 8.92
CA GLY A 220 -14.67 3.09 8.16
C GLY A 220 -15.13 2.73 6.75
N PRO A 221 -15.79 3.67 6.06
CA PRO A 221 -16.23 3.41 4.67
C PRO A 221 -15.06 3.05 3.74
N LEU A 222 -15.20 1.92 3.05
CA LEU A 222 -14.17 1.35 2.18
C LEU A 222 -12.78 1.21 2.85
N ASP A 223 -12.80 0.89 4.15
CA ASP A 223 -11.55 0.66 4.89
C ASP A 223 -10.66 -0.43 4.30
N ALA A 224 -11.27 -1.55 3.92
CA ALA A 224 -10.55 -2.71 3.41
C ALA A 224 -9.73 -2.35 2.16
N GLU A 225 -10.36 -1.59 1.28
CA GLU A 225 -9.75 -1.12 0.03
C GLU A 225 -8.59 -0.14 0.23
N GLY A 226 -8.74 0.78 1.18
CA GLY A 226 -7.79 1.87 1.31
C GLY A 226 -6.66 1.68 2.32
N TYR A 227 -6.96 1.04 3.45
CA TYR A 227 -6.03 1.05 4.59
C TYR A 227 -6.18 -0.08 5.62
N GLY A 228 -6.99 -1.10 5.29
CA GLY A 228 -7.44 -2.06 6.29
C GLY A 228 -6.65 -3.33 6.57
N VAL A 229 -5.59 -3.59 5.79
CA VAL A 229 -4.86 -4.87 5.92
C VAL A 229 -3.96 -4.90 7.18
N LYS A 230 -3.97 -6.04 7.88
CA LYS A 230 -3.02 -6.32 8.95
C LYS A 230 -2.21 -7.52 8.48
N THR A 231 -0.89 -7.46 8.64
CA THR A 231 -0.01 -8.54 8.16
C THR A 231 1.29 -8.54 8.94
N SER A 232 2.04 -9.62 8.78
CA SER A 232 3.33 -9.76 9.41
C SER A 232 4.42 -9.33 8.45
N ALA A 233 5.60 -9.08 9.00
CA ALA A 233 6.76 -8.75 8.18
C ALA A 233 7.08 -9.89 7.20
N ALA A 234 6.98 -11.13 7.69
CA ALA A 234 7.21 -12.32 6.86
C ALA A 234 6.19 -12.41 5.71
N ASP A 235 4.90 -12.22 6.00
CA ASP A 235 3.90 -12.25 4.93
C ASP A 235 4.06 -11.07 3.95
N LEU A 236 4.35 -9.88 4.45
CA LEU A 236 4.47 -8.73 3.54
C LEU A 236 5.68 -8.92 2.62
N LEU A 237 6.75 -9.53 3.15
CA LEU A 237 7.89 -9.88 2.31
C LEU A 237 7.56 -10.97 1.26
N ARG A 238 6.74 -11.95 1.64
CA ARG A 238 6.25 -12.92 0.65
C ARG A 238 5.53 -12.20 -0.50
N PHE A 239 4.73 -11.20 -0.14
CA PHE A 239 4.02 -10.38 -1.13
C PHE A 239 5.02 -9.61 -2.02
N VAL A 240 6.07 -9.06 -1.39
CA VAL A 240 7.17 -8.43 -2.15
C VAL A 240 7.85 -9.40 -3.12
N ASP A 241 8.12 -10.62 -2.64
CA ASP A 241 8.75 -11.63 -3.51
C ASP A 241 7.85 -12.05 -4.67
N ALA A 242 6.54 -12.08 -4.41
CA ALA A 242 5.56 -12.28 -5.51
C ALA A 242 5.66 -11.15 -6.53
N ASN A 243 5.80 -9.92 -6.06
CA ASN A 243 6.01 -8.77 -6.95
C ASN A 243 7.33 -8.83 -7.71
N LEU A 244 8.39 -9.30 -7.05
CA LEU A 244 9.69 -9.50 -7.71
C LEU A 244 9.68 -10.61 -8.76
N HIS A 245 8.86 -11.64 -8.54
CA HIS A 245 8.82 -12.81 -9.41
C HIS A 245 7.40 -13.28 -9.68
N PRO A 246 6.62 -12.47 -10.43
CA PRO A 246 5.23 -12.83 -10.73
C PRO A 246 5.12 -14.14 -11.48
N GLU A 247 6.15 -14.47 -12.27
CA GLU A 247 6.18 -15.67 -13.10
C GLU A 247 6.19 -16.96 -12.27
N ARG A 248 6.47 -16.84 -10.98
CA ARG A 248 6.41 -17.98 -10.07
C ARG A 248 4.98 -18.38 -9.65
N LEU A 249 4.01 -17.51 -9.92
CA LEU A 249 2.62 -17.83 -9.66
C LEU A 249 1.91 -18.30 -10.93
N ASP A 250 0.79 -18.99 -10.74
CA ASP A 250 -0.07 -19.39 -11.85
C ASP A 250 -0.44 -18.15 -12.66
N ARG A 251 -0.58 -18.36 -13.98
CA ARG A 251 -0.75 -17.30 -14.96
C ARG A 251 -1.73 -16.18 -14.60
N PRO A 252 -2.96 -16.51 -14.11
CA PRO A 252 -3.91 -15.44 -13.83
C PRO A 252 -3.38 -14.48 -12.77
N TRP A 253 -2.71 -15.02 -11.75
CA TRP A 253 -2.15 -14.19 -10.67
C TRP A 253 -0.83 -13.52 -11.04
N ALA A 254 -0.03 -14.17 -11.88
CA ALA A 254 1.14 -13.53 -12.48
C ALA A 254 0.72 -12.25 -13.21
N GLN A 255 -0.28 -12.38 -14.08
CA GLN A 255 -0.81 -11.27 -14.86
C GLN A 255 -1.40 -10.17 -13.97
N ALA A 256 -2.08 -10.58 -12.89
CA ALA A 256 -2.61 -9.63 -11.88
C ALA A 256 -1.52 -8.75 -11.26
N LEU A 257 -0.41 -9.39 -10.88
CA LEU A 257 0.74 -8.68 -10.31
C LEU A 257 1.40 -7.75 -11.33
N ASP A 258 1.60 -8.25 -12.55
CA ASP A 258 2.17 -7.47 -13.67
C ASP A 258 1.38 -6.17 -13.88
N ALA A 259 0.06 -6.22 -13.70
CA ALA A 259 -0.81 -5.06 -13.91
C ALA A 259 -0.53 -3.90 -12.94
N THR A 260 0.06 -4.23 -11.78
CA THR A 260 0.46 -3.23 -10.80
C THR A 260 1.89 -2.71 -11.06
N HIS A 261 2.52 -3.18 -12.12
CA HIS A 261 3.87 -2.76 -12.49
C HIS A 261 3.86 -1.92 -13.78
N ARG A 262 2.88 -1.03 -13.88
CA ARG A 262 2.68 -0.22 -15.10
C ARG A 262 2.42 1.23 -14.70
N GLY A 263 3.24 2.14 -15.24
CA GLY A 263 3.17 3.56 -14.86
C GLY A 263 2.37 4.33 -15.90
N TYR A 264 1.56 5.28 -15.42
CA TYR A 264 0.59 6.00 -16.26
C TYR A 264 0.86 7.49 -16.43
N TYR A 265 1.53 8.10 -15.46
CA TYR A 265 1.93 9.51 -15.50
C TYR A 265 3.01 9.75 -14.46
N LYS A 266 3.61 10.93 -14.52
CA LYS A 266 4.60 11.33 -13.50
C LYS A 266 4.16 12.63 -12.84
N VAL A 267 4.50 12.73 -11.56
CA VAL A 267 4.47 13.95 -10.78
C VAL A 267 5.88 14.07 -10.20
N GLY A 268 6.64 15.06 -10.71
CA GLY A 268 8.05 15.23 -10.32
C GLY A 268 8.84 13.97 -10.60
N ASP A 269 9.52 13.45 -9.58
CA ASP A 269 10.33 12.22 -9.72
C ASP A 269 9.53 10.91 -9.65
N MET A 270 8.23 11.00 -9.34
CA MET A 270 7.43 9.82 -9.06
C MET A 270 6.58 9.40 -10.28
N THR A 271 6.64 8.11 -10.62
CA THR A 271 5.74 7.53 -11.64
C THR A 271 4.66 6.70 -10.94
N GLN A 272 3.40 7.04 -11.24
CA GLN A 272 2.24 6.44 -10.56
C GLN A 272 1.78 5.18 -11.28
N GLY A 273 1.83 4.06 -10.58
CA GLY A 273 1.23 2.80 -11.07
C GLY A 273 -0.09 2.55 -10.37
N LEU A 274 -0.58 1.30 -10.48
CA LEU A 274 -1.71 0.86 -9.65
C LEU A 274 -1.20 0.44 -8.28
N GLY A 275 -1.50 1.28 -7.28
CA GLY A 275 -0.99 1.08 -5.93
C GLY A 275 0.45 1.53 -5.78
N TRP A 276 1.37 0.85 -6.49
CA TRP A 276 2.81 1.16 -6.44
C TRP A 276 3.16 2.54 -7.01
N GLU A 277 4.11 3.21 -6.36
CA GLU A 277 4.69 4.45 -6.89
C GLU A 277 6.18 4.24 -7.14
N ALA A 278 6.66 4.67 -8.30
CA ALA A 278 8.01 4.31 -8.76
C ALA A 278 8.94 5.51 -8.98
N TYR A 279 10.23 5.25 -8.76
CA TYR A 279 11.31 6.23 -8.95
C TYR A 279 12.42 5.57 -9.75
N ASP A 280 13.17 6.38 -10.50
CA ASP A 280 14.45 5.92 -11.05
C ASP A 280 15.38 5.53 -9.89
N TRP A 281 16.26 4.57 -10.13
CA TRP A 281 17.17 4.08 -9.10
C TRP A 281 18.56 3.88 -9.69
N PRO A 282 19.59 4.49 -9.07
CA PRO A 282 19.54 5.28 -7.84
C PRO A 282 18.96 6.70 -7.99
N ILE A 283 18.55 7.26 -6.86
CA ILE A 283 18.10 8.65 -6.73
C ILE A 283 18.51 9.07 -5.31
N SER A 284 18.58 10.36 -5.04
CA SER A 284 19.03 10.80 -3.71
C SER A 284 17.98 10.48 -2.64
N LEU A 285 18.44 10.35 -1.39
CA LEU A 285 17.52 10.15 -0.28
C LEU A 285 16.50 11.31 -0.20
N LYS A 286 16.97 12.54 -0.36
CA LYS A 286 16.10 13.71 -0.26
C LYS A 286 14.97 13.71 -1.31
N ARG A 287 15.26 13.24 -2.53
CA ARG A 287 14.22 13.14 -3.57
C ARG A 287 13.18 12.05 -3.26
N LEU A 288 13.64 10.91 -2.75
CA LEU A 288 12.74 9.82 -2.35
C LEU A 288 11.88 10.26 -1.17
N GLN A 289 12.47 11.02 -0.26
CA GLN A 289 11.73 11.59 0.87
C GLN A 289 10.66 12.58 0.38
N ALA A 290 11.06 13.46 -0.55
CA ALA A 290 10.12 14.44 -1.12
C ALA A 290 8.93 13.76 -1.80
N GLY A 291 9.20 12.64 -2.48
CA GLY A 291 8.15 11.88 -3.15
C GLY A 291 7.11 11.32 -2.20
N ASN A 292 7.54 11.04 -0.97
CA ASN A 292 6.70 10.48 0.09
C ASN A 292 6.38 11.51 1.18
N SER A 293 6.47 12.78 0.85
CA SER A 293 6.25 13.86 1.81
C SER A 293 4.75 14.18 1.97
N THR A 294 4.46 14.95 3.02
CA THR A 294 3.10 15.40 3.32
C THR A 294 2.39 16.13 2.16
N PRO A 295 3.06 17.11 1.52
CA PRO A 295 2.37 17.77 0.39
C PRO A 295 2.02 16.84 -0.80
N MET A 296 2.75 15.74 -0.97
CA MET A 296 2.39 14.74 -1.99
C MET A 296 1.10 14.01 -1.63
N ALA A 297 0.83 13.85 -0.34
CA ALA A 297 -0.38 13.19 0.12
C ALA A 297 -1.56 14.17 0.20
N LEU A 298 -1.27 15.44 0.49
CA LEU A 298 -2.32 16.40 0.86
C LEU A 298 -2.68 17.46 -0.18
N GLN A 299 -1.80 17.69 -1.15
CA GLN A 299 -2.03 18.74 -2.13
C GLN A 299 -2.19 18.21 -3.57
N PRO A 300 -2.97 18.92 -4.41
CA PRO A 300 -3.09 18.49 -5.81
C PRO A 300 -1.82 18.81 -6.60
N HIS A 301 -1.49 17.95 -7.56
CA HIS A 301 -0.37 18.17 -8.47
C HIS A 301 -0.83 17.84 -9.88
N ARG A 302 -0.51 18.76 -10.81
CA ARG A 302 -0.72 18.52 -12.23
C ARG A 302 0.14 17.34 -12.67
N ILE A 303 -0.45 16.46 -13.47
CA ILE A 303 0.27 15.25 -13.90
C ILE A 303 0.98 15.48 -15.24
N ALA A 304 2.02 14.70 -15.51
CA ALA A 304 2.61 14.63 -16.84
C ALA A 304 2.31 13.25 -17.40
N ARG A 305 1.32 13.17 -18.27
CA ARG A 305 0.86 11.88 -18.77
C ARG A 305 1.87 11.26 -19.73
N LEU A 306 2.09 9.96 -19.58
CA LEU A 306 2.98 9.24 -20.46
C LEU A 306 2.26 8.90 -21.77
N PRO A 307 3.01 8.90 -22.90
CA PRO A 307 2.48 8.55 -24.22
C PRO A 307 1.85 7.16 -24.25
N ALA A 308 2.38 6.26 -23.42
CA ALA A 308 1.93 4.89 -23.30
C ALA A 308 2.30 4.38 -21.89
N PRO A 309 1.57 3.36 -21.38
CA PRO A 309 1.97 2.77 -20.10
C PRO A 309 3.41 2.28 -20.11
N GLN A 310 4.09 2.51 -19.00
CA GLN A 310 5.52 2.28 -18.88
C GLN A 310 5.74 1.09 -17.96
N ALA A 311 6.56 0.14 -18.39
CA ALA A 311 6.97 -0.97 -17.52
C ALA A 311 7.77 -0.45 -16.32
N LEU A 312 7.30 -0.80 -15.12
CA LEU A 312 7.96 -0.40 -13.88
C LEU A 312 8.84 -1.57 -13.43
N GLU A 313 10.03 -1.65 -14.01
CA GLU A 313 10.93 -2.78 -13.84
C GLU A 313 12.37 -2.30 -14.02
N GLY A 314 13.34 -3.19 -13.92
CA GLY A 314 14.74 -2.82 -14.14
C GLY A 314 15.23 -1.94 -13.02
N GLN A 315 15.98 -0.89 -13.38
CA GLN A 315 16.61 0.03 -12.40
C GLN A 315 15.62 1.08 -11.89
N ARG A 316 14.69 0.64 -11.05
CA ARG A 316 13.67 1.48 -10.47
C ARG A 316 13.42 1.02 -9.05
N LEU A 317 12.97 1.94 -8.21
CA LEU A 317 12.53 1.60 -6.88
C LEU A 317 11.02 1.81 -6.84
N LEU A 318 10.29 0.74 -6.52
CA LEU A 318 8.83 0.81 -6.34
C LEU A 318 8.55 0.79 -4.86
N ASN A 319 7.63 1.63 -4.42
CA ASN A 319 7.35 1.75 -2.99
C ASN A 319 5.93 2.12 -2.68
N LYS A 320 5.60 2.01 -1.40
CA LYS A 320 4.36 2.53 -0.86
C LYS A 320 4.53 2.72 0.64
N THR A 321 4.17 3.92 1.11
CA THR A 321 4.03 4.19 2.54
C THR A 321 2.61 3.87 2.99
N GLY A 322 2.44 3.61 4.29
CA GLY A 322 1.09 3.45 4.83
C GLY A 322 1.08 3.69 6.33
N SER A 323 0.02 4.36 6.80
CA SER A 323 -0.12 4.69 8.22
C SER A 323 -1.54 4.43 8.69
N THR A 324 -1.67 4.22 9.99
CA THR A 324 -2.94 4.35 10.68
C THR A 324 -2.69 5.22 11.91
N ASN A 325 -3.71 5.47 12.73
CA ASN A 325 -3.49 6.27 13.95
C ASN A 325 -2.31 5.75 14.79
N GLY A 326 -2.16 4.43 14.84
CA GLY A 326 -1.17 3.80 15.73
C GLY A 326 0.02 3.13 15.07
N PHE A 327 0.08 3.13 13.74
CA PHE A 327 1.10 2.36 12.99
C PHE A 327 1.70 3.12 11.82
N GLY A 328 2.89 2.69 11.43
CA GLY A 328 3.65 3.28 10.33
C GLY A 328 4.39 2.18 9.57
N ALA A 329 4.01 1.99 8.29
CA ALA A 329 4.61 0.95 7.43
C ALA A 329 5.28 1.57 6.20
N TYR A 330 6.26 0.84 5.67
CA TYR A 330 6.90 1.21 4.43
C TYR A 330 7.38 -0.04 3.72
N VAL A 331 7.15 -0.10 2.41
CA VAL A 331 7.61 -1.20 1.58
C VAL A 331 8.32 -0.65 0.36
N ALA A 332 9.47 -1.23 0.02
CA ALA A 332 10.21 -0.84 -1.19
C ALA A 332 10.88 -2.05 -1.83
N PHE A 333 10.92 -2.06 -3.16
CA PHE A 333 11.66 -3.10 -3.87
C PHE A 333 12.25 -2.59 -5.18
N VAL A 334 13.33 -3.24 -5.61
CA VAL A 334 14.04 -2.89 -6.84
C VAL A 334 13.99 -4.09 -7.76
N PRO A 335 13.03 -4.11 -8.70
CA PRO A 335 12.85 -5.23 -9.62
C PRO A 335 14.16 -5.74 -10.24
N GLY A 336 14.96 -4.84 -10.83
CA GLY A 336 16.18 -5.22 -11.56
C GLY A 336 17.31 -5.79 -10.72
N ARG A 337 17.18 -5.65 -9.39
CA ARG A 337 18.17 -6.16 -8.44
C ARG A 337 17.66 -7.32 -7.57
N ASP A 338 16.40 -7.73 -7.76
CA ASP A 338 15.81 -8.84 -6.99
C ASP A 338 16.00 -8.57 -5.48
N LEU A 339 15.67 -7.35 -5.09
CA LEU A 339 15.87 -6.88 -3.71
C LEU A 339 14.56 -6.27 -3.25
N GLY A 340 14.16 -6.61 -2.03
CA GLY A 340 12.95 -6.04 -1.45
C GLY A 340 13.10 -5.84 0.04
N LEU A 341 12.34 -4.88 0.58
CA LEU A 341 12.34 -4.66 2.02
C LEU A 341 11.00 -4.16 2.54
N VAL A 342 10.75 -4.51 3.81
CA VAL A 342 9.54 -4.22 4.53
C VAL A 342 9.99 -3.63 5.87
N ILE A 343 9.36 -2.53 6.28
CA ILE A 343 9.60 -1.96 7.63
C ILE A 343 8.26 -1.63 8.28
N LEU A 344 7.92 -2.36 9.34
CA LEU A 344 6.64 -2.18 10.01
C LEU A 344 6.87 -1.73 11.44
N ALA A 345 6.17 -0.67 11.84
CA ALA A 345 6.30 -0.15 13.20
C ALA A 345 4.93 0.06 13.82
N ASN A 346 4.89 -0.05 15.16
CA ASN A 346 3.66 0.24 15.91
C ASN A 346 3.62 1.66 16.54
N ARG A 347 4.20 2.60 15.81
CA ARG A 347 3.92 4.04 15.95
C ARG A 347 3.83 4.65 14.54
N ASN A 348 2.88 5.56 14.35
CA ASN A 348 2.86 6.41 13.14
C ASN A 348 3.96 7.46 13.28
N TYR A 349 5.09 7.23 12.61
CA TYR A 349 6.22 8.17 12.66
C TYR A 349 6.44 8.68 11.23
N PRO A 350 7.05 9.86 11.08
CA PRO A 350 7.07 10.52 9.75
C PRO A 350 7.62 9.65 8.61
N ASN A 351 6.99 9.75 7.44
CA ASN A 351 7.42 8.99 6.23
C ASN A 351 8.90 9.15 5.94
N ALA A 352 9.41 10.38 6.12
CA ALA A 352 10.82 10.69 5.84
C ALA A 352 11.75 9.80 6.67
N GLU A 353 11.32 9.46 7.88
CA GLU A 353 12.11 8.60 8.77
C GLU A 353 12.13 7.15 8.31
N ARG A 354 10.98 6.67 7.83
CA ARG A 354 10.85 5.30 7.29
C ARG A 354 11.75 5.17 6.07
N VAL A 355 11.71 6.19 5.23
CA VAL A 355 12.50 6.18 3.99
C VAL A 355 14.00 6.22 4.31
N LYS A 356 14.36 6.98 5.34
CA LYS A 356 15.74 7.06 5.81
C LYS A 356 16.30 5.68 6.21
N ILE A 357 15.53 4.92 6.99
CA ILE A 357 15.90 3.55 7.35
C ILE A 357 16.10 2.70 6.08
N ALA A 358 15.09 2.70 5.21
CA ALA A 358 15.14 1.93 3.96
C ALA A 358 16.38 2.27 3.14
N TYR A 359 16.65 3.57 2.99
CA TYR A 359 17.74 4.08 2.15
C TYR A 359 19.10 3.68 2.71
N ALA A 360 19.24 3.77 4.03
CA ALA A 360 20.44 3.30 4.72
C ALA A 360 20.71 1.81 4.46
N ILE A 361 19.67 0.98 4.54
CA ILE A 361 19.80 -0.45 4.21
C ILE A 361 20.18 -0.66 2.74
N LEU A 362 19.45 -0.03 1.81
CA LEU A 362 19.73 -0.19 0.37
C LEU A 362 21.15 0.26 -0.04
N SER A 363 21.59 1.41 0.47
CA SER A 363 22.91 1.93 0.13
C SER A 363 24.03 1.09 0.76
N GLY A 364 23.78 0.55 1.96
CA GLY A 364 24.71 -0.38 2.60
C GLY A 364 24.81 -1.71 1.87
N LEU A 365 23.70 -2.15 1.26
CA LEU A 365 23.70 -3.38 0.47
C LEU A 365 24.48 -3.25 -0.85
N GLU A 366 24.40 -2.08 -1.48
CA GLU A 366 25.17 -1.84 -2.69
C GLU A 366 26.64 -1.54 -2.40
N GLN A 367 26.93 -1.13 -1.17
CA GLN A 367 28.31 -0.89 -0.74
C GLN A 367 28.84 -2.07 0.07
#